data_8Y2R
#
_entry.id   8Y2R
#
loop_
_entity.id
_entity.type
_entity.pdbx_description
1 polymer "DNA (5'-D(*TP*AP*AP*GP*GP*GP*AP*GP*GP*GP*AP*GP*GP*GP*AP*AP*GP*GP*GP*AP*GP*C*(LIG)*(LIG))-3')"
2 non-polymer 6,7-dihydro[1,3]dioxolo[4,5-g][1,3]dioxolo[7,8]isoquino[3,2-a]isoquinolin-5-ium
#
_entity_poly.entity_id   1
_entity_poly.type   'polydeoxyribonucleotide'
_entity_poly.pdbx_seq_one_letter_code
;(DT)(DA)(DA)(DG)(DG)(DG)(DA)(DG)(DG)(DG)(DA)(DG)(DG)(DG)(DA)(DA)(DG)(DG)(DG)(DA)
(DG)(DC)
;
_entity_poly.pdbx_strand_id   X
#